data_3IJ8
#
_entry.id   3IJ8
#
_cell.length_a   52.000
_cell.length_b   68.470
_cell.length_c   129.860
_cell.angle_alpha   90.00
_cell.angle_beta   90.00
_cell.angle_gamma   90.00
#
_symmetry.space_group_name_H-M   'P 21 21 21'
#
loop_
_entity.id
_entity.type
_entity.pdbx_description
1 polymer 'Pancreatic alpha-amylase'
2 non-polymer (2R,3S,4R,5R,6R)-2,6-difluoro-2-(hydroxymethyl)tetrahydro-2H-pyran-3,4,5-triol
3 non-polymer 5-fluoro-alpha-L-idopyranose
4 non-polymer 'CALCIUM ION'
5 non-polymer 'CHLORIDE ION'
6 water water
#
_entity_poly.entity_id   1
_entity_poly.type   'polypeptide(L)'
_entity_poly.pdbx_seq_one_letter_code
;(PCA)YSPNTQQGRTSIVHLFEWRWVDIALECERYLAPKGFGGVQVSPPNENVAIYNPFRPWWERYQPVSYKLCTRSGNE
DEFRNMVTRCNNVGVRIYVDAVINHMCGNAVSAGTSSTCGSYFNPGSRDFPAVPYSGWDFNDGKCKTGSGDIENYNDATQ
VRDCRLTGLLDLALEKDYVRSKIAEYMNHLIDIGVAGFRLDASKHMWPGDIKAILDKLHNLNSNWFPAGSKPFIYQEVID
LGGEPIKSSDYFGNGRVTEFKYGAKLGTVIRKWNGEKMSYLKNWGEGWGFVPSDRALVFVDNHDNQRGHGAGGASILTFW
DARLYKMAVGFMLAHPYGFTRVMSSYRWPRQFQNGNDVNDWVGPPNNNGVIKEVTINPDTTCGNDWVCEHRWRQIRNMVI
FRNVVDGQPFTNWYDNGSNQVAFGRGNRGFIVFNNDDWSFSLTLQTGLPAGTYCDVISGDKINGNCTGIKIYVSDDGKAH
FSISNSAEDPFIAIHAESKL
;
_entity_poly.pdbx_strand_id   A
#
# COMPACT_ATOMS: atom_id res chain seq x y z
N TYR A 2 -0.34 14.95 -6.87
CA TYR A 2 -1.03 13.81 -7.46
C TYR A 2 -0.06 12.88 -8.18
N SER A 3 1.12 13.40 -8.50
CA SER A 3 2.15 12.61 -9.19
C SER A 3 3.04 11.87 -8.19
N PRO A 4 3.25 10.56 -8.42
CA PRO A 4 4.07 9.73 -7.53
C PRO A 4 5.54 10.16 -7.40
N ASN A 5 6.05 10.84 -8.42
CA ASN A 5 7.45 11.29 -8.42
C ASN A 5 8.43 10.13 -8.57
N THR A 6 7.94 9.00 -9.08
CA THR A 6 8.83 7.88 -9.31
C THR A 6 9.62 8.10 -10.59
N GLN A 7 10.71 7.36 -10.77
CA GLN A 7 11.49 7.48 -11.97
C GLN A 7 10.66 7.07 -13.17
N GLN A 8 10.86 7.73 -14.31
CA GLN A 8 10.11 7.37 -15.50
C GLN A 8 10.26 5.88 -15.79
N GLY A 9 9.14 5.19 -15.95
CA GLY A 9 9.20 3.76 -16.22
C GLY A 9 8.80 2.89 -15.05
N ARG A 10 8.92 3.40 -13.83
CA ARG A 10 8.56 2.67 -12.63
C ARG A 10 7.14 3.08 -12.20
N THR A 11 6.23 2.09 -12.14
CA THR A 11 4.81 2.38 -11.91
C THR A 11 4.21 1.84 -10.62
N SER A 12 4.99 1.33 -9.68
CA SER A 12 4.40 0.81 -8.45
C SER A 12 5.23 1.13 -7.22
N ILE A 13 4.58 1.07 -6.07
CA ILE A 13 5.26 1.23 -4.80
C ILE A 13 4.99 -0.01 -3.96
N VAL A 14 5.91 -0.34 -3.06
CA VAL A 14 5.72 -1.50 -2.21
C VAL A 14 5.74 -1.09 -0.76
N HIS A 15 4.81 -1.65 0.01
CA HIS A 15 4.75 -1.38 1.43
C HIS A 15 5.62 -2.37 2.19
N LEU A 16 6.82 -1.94 2.58
CA LEU A 16 7.69 -2.80 3.37
C LEU A 16 7.35 -2.62 4.84
N PHE A 17 6.20 -3.17 5.19
CA PHE A 17 5.56 -3.10 6.49
C PHE A 17 6.45 -3.59 7.63
N GLU A 18 6.77 -2.65 8.53
CA GLU A 18 7.57 -2.87 9.74
C GLU A 18 9.04 -3.20 9.47
N TRP A 19 9.50 -3.00 8.23
CA TRP A 19 10.91 -3.28 7.92
C TRP A 19 11.82 -2.23 8.55
N ARG A 20 13.03 -2.65 8.90
CA ARG A 20 14.02 -1.74 9.45
C ARG A 20 14.63 -0.91 8.32
N TRP A 21 15.04 0.31 8.62
CA TRP A 21 15.61 1.19 7.60
C TRP A 21 16.82 0.57 6.90
N VAL A 22 17.72 -0.03 7.66
CA VAL A 22 18.92 -0.62 7.06
C VAL A 22 18.56 -1.73 6.07
N ASP A 23 17.49 -2.46 6.36
CA ASP A 23 17.05 -3.54 5.48
C ASP A 23 16.40 -2.99 4.22
N ILE A 24 15.66 -1.89 4.36
CA ILE A 24 15.04 -1.27 3.21
C ILE A 24 16.11 -0.69 2.28
N ALA A 25 17.12 -0.08 2.88
CA ALA A 25 18.23 0.51 2.12
C ALA A 25 18.89 -0.56 1.25
N LEU A 26 19.16 -1.72 1.84
CA LEU A 26 19.77 -2.82 1.12
C LEU A 26 18.83 -3.35 0.05
N GLU A 27 17.54 -3.46 0.40
CA GLU A 27 16.55 -3.96 -0.54
C GLU A 27 16.45 -3.05 -1.77
N CYS A 28 16.59 -1.75 -1.56
CA CYS A 28 16.53 -0.80 -2.67
C CYS A 28 17.63 -1.09 -3.70
N GLU A 29 18.83 -1.33 -3.21
CA GLU A 29 19.98 -1.55 -4.06
C GLU A 29 20.05 -2.96 -4.65
N ARG A 30 19.70 -3.97 -3.86
CA ARG A 30 19.82 -5.35 -4.32
C ARG A 30 18.58 -5.90 -5.05
N TYR A 31 17.42 -5.27 -4.91
CA TYR A 31 16.26 -5.86 -5.57
C TYR A 31 15.30 -4.83 -6.17
N LEU A 32 14.87 -3.85 -5.39
CA LEU A 32 13.90 -2.87 -5.87
C LEU A 32 14.38 -2.11 -7.10
N ALA A 33 15.60 -1.60 -7.07
CA ALA A 33 16.12 -0.87 -8.22
C ALA A 33 16.24 -1.77 -9.46
N PRO A 34 16.95 -2.90 -9.34
CA PRO A 34 17.09 -3.81 -10.49
C PRO A 34 15.78 -4.37 -11.04
N LYS A 35 14.79 -4.53 -10.17
CA LYS A 35 13.49 -5.10 -10.55
C LYS A 35 12.50 -4.04 -11.03
N GLY A 36 12.91 -2.78 -11.03
CA GLY A 36 12.01 -1.74 -11.52
C GLY A 36 10.91 -1.22 -10.61
N PHE A 37 11.05 -1.41 -9.29
CA PHE A 37 10.05 -0.90 -8.36
C PHE A 37 10.18 0.61 -8.24
N GLY A 38 9.06 1.31 -8.19
CA GLY A 38 9.12 2.76 -8.12
C GLY A 38 9.42 3.37 -6.76
N GLY A 39 8.99 2.70 -5.69
CA GLY A 39 9.22 3.26 -4.38
C GLY A 39 8.77 2.37 -3.25
N VAL A 40 8.95 2.86 -2.03
CA VAL A 40 8.63 2.11 -0.83
C VAL A 40 7.84 2.93 0.17
N GLN A 41 6.73 2.36 0.64
CA GLN A 41 6.00 3.00 1.72
C GLN A 41 6.57 2.45 3.01
N VAL A 42 7.08 3.33 3.86
CA VAL A 42 7.68 2.88 5.12
C VAL A 42 6.73 3.06 6.28
N SER A 43 6.93 2.28 7.33
CA SER A 43 6.12 2.42 8.52
C SER A 43 6.41 3.78 9.16
N PRO A 44 5.51 4.29 10.02
CA PRO A 44 5.75 5.60 10.63
C PRO A 44 7.17 5.73 11.21
N PRO A 45 7.94 6.72 10.75
CA PRO A 45 9.30 6.92 11.26
C PRO A 45 9.44 7.74 12.54
N ASN A 46 8.33 8.24 13.06
CA ASN A 46 8.36 9.06 14.27
C ASN A 46 8.15 8.23 15.53
N GLU A 47 8.70 8.72 16.64
CA GLU A 47 8.63 8.05 17.94
C GLU A 47 7.20 7.72 18.32
N ASN A 48 7.00 6.49 18.79
CA ASN A 48 5.68 6.02 19.19
C ASN A 48 5.72 5.40 20.58
N VAL A 49 4.53 5.10 21.10
CA VAL A 49 4.42 4.48 22.41
C VAL A 49 4.89 3.04 22.37
N ALA A 50 5.67 2.66 23.37
CA ALA A 50 6.11 1.28 23.50
C ALA A 50 5.07 0.52 24.31
N ILE A 51 4.28 -0.30 23.63
CA ILE A 51 3.22 -1.05 24.30
C ILE A 51 3.68 -2.48 24.60
N TYR A 52 3.60 -2.88 25.87
CA TYR A 52 4.03 -4.20 26.27
C TYR A 52 2.86 -5.14 26.54
N ASN A 53 1.64 -4.59 26.51
CA ASN A 53 0.44 -5.41 26.70
C ASN A 53 -0.62 -5.04 25.67
N PRO A 54 -0.71 -5.81 24.58
CA PRO A 54 0.12 -6.98 24.24
C PRO A 54 1.58 -6.59 23.95
N PHE A 55 2.42 -7.59 23.71
CA PHE A 55 3.84 -7.35 23.48
C PHE A 55 4.16 -6.76 22.11
N ARG A 56 4.53 -5.47 22.12
CA ARG A 56 4.93 -4.70 20.94
C ARG A 56 4.07 -4.99 19.71
N PRO A 57 2.78 -4.63 19.76
CA PRO A 57 1.88 -4.86 18.63
C PRO A 57 2.25 -3.93 17.48
N TRP A 58 1.87 -4.31 16.27
CA TRP A 58 2.18 -3.45 15.13
C TRP A 58 1.49 -2.10 15.27
N TRP A 59 0.30 -2.09 15.88
CA TRP A 59 -0.46 -0.85 15.97
C TRP A 59 0.12 0.16 16.97
N GLU A 60 1.16 -0.20 17.72
CA GLU A 60 1.73 0.79 18.63
C GLU A 60 2.37 1.94 17.83
N ARG A 61 2.73 1.66 16.58
CA ARG A 61 3.38 2.65 15.73
C ARG A 61 2.41 3.72 15.25
N TYR A 62 1.12 3.54 15.54
CA TYR A 62 0.13 4.52 15.13
C TYR A 62 -0.33 5.35 16.32
N GLN A 63 0.50 5.32 17.36
CA GLN A 63 0.28 6.08 18.57
C GLN A 63 1.51 6.94 18.86
N PRO A 64 1.61 8.08 18.18
CA PRO A 64 2.74 9.01 18.34
C PRO A 64 3.00 9.58 19.72
N VAL A 65 4.29 9.76 20.01
CA VAL A 65 4.75 10.37 21.25
C VAL A 65 5.50 11.66 20.93
N SER A 66 6.15 11.68 19.77
CA SER A 66 6.89 12.85 19.29
C SER A 66 7.17 12.72 17.81
N TYR A 67 7.88 13.69 17.24
CA TYR A 67 8.22 13.63 15.82
C TYR A 67 9.69 13.30 15.63
N LYS A 68 10.33 12.82 16.69
CA LYS A 68 11.71 12.39 16.59
C LYS A 68 11.78 11.15 15.71
N LEU A 69 12.73 11.10 14.79
CA LEU A 69 12.86 9.94 13.91
C LEU A 69 13.59 8.82 14.64
N CYS A 70 12.87 8.22 15.58
CA CYS A 70 13.42 7.20 16.46
C CYS A 70 12.40 6.10 16.73
N THR A 71 12.55 4.98 16.03
CA THR A 71 11.61 3.87 16.16
C THR A 71 12.32 2.52 16.14
N ARG A 72 11.53 1.45 16.23
CA ARG A 72 12.09 0.11 16.17
C ARG A 72 12.71 -0.15 14.80
N SER A 73 12.40 0.71 13.83
CA SER A 73 12.96 0.57 12.50
C SER A 73 14.33 1.23 12.41
N GLY A 74 14.62 2.11 13.36
CA GLY A 74 15.91 2.79 13.37
C GLY A 74 15.86 4.25 13.80
N ASN A 75 17.03 4.90 13.82
CA ASN A 75 17.13 6.30 14.19
C ASN A 75 17.22 7.20 12.96
N GLU A 76 17.40 8.50 13.16
CA GLU A 76 17.45 9.44 12.05
C GLU A 76 18.60 9.17 11.10
N ASP A 77 19.76 8.79 11.65
CA ASP A 77 20.91 8.50 10.81
C ASP A 77 20.61 7.34 9.86
N GLU A 78 20.01 6.29 10.41
CA GLU A 78 19.66 5.12 9.62
C GLU A 78 18.58 5.47 8.59
N PHE A 79 17.63 6.32 8.99
CA PHE A 79 16.55 6.73 8.09
C PHE A 79 17.11 7.54 6.93
N ARG A 80 17.98 8.49 7.23
CA ARG A 80 18.60 9.33 6.21
C ARG A 80 19.44 8.48 5.26
N ASN A 81 20.18 7.54 5.84
CA ASN A 81 21.01 6.64 5.04
C ASN A 81 20.16 5.88 4.03
N MET A 82 18.99 5.41 4.50
CA MET A 82 18.06 4.66 3.67
C MET A 82 17.48 5.53 2.55
N VAL A 83 16.98 6.71 2.90
CA VAL A 83 16.41 7.60 1.89
C VAL A 83 17.45 7.97 0.83
N THR A 84 18.67 8.24 1.28
CA THR A 84 19.74 8.62 0.38
C THR A 84 20.12 7.48 -0.55
N ARG A 85 20.32 6.29 0.00
CA ARG A 85 20.72 5.13 -0.80
C ARG A 85 19.62 4.74 -1.79
N CYS A 86 18.37 4.82 -1.34
CA CYS A 86 17.27 4.47 -2.22
C CYS A 86 17.13 5.49 -3.35
N ASN A 87 17.15 6.77 -3.00
CA ASN A 87 17.06 7.82 -4.01
C ASN A 87 18.21 7.71 -5.02
N ASN A 88 19.39 7.34 -4.53
CA ASN A 88 20.57 7.23 -5.39
C ASN A 88 20.43 6.11 -6.43
N VAL A 89 19.51 5.18 -6.20
CA VAL A 89 19.28 4.11 -7.18
C VAL A 89 17.92 4.26 -7.84
N GLY A 90 17.32 5.44 -7.69
CA GLY A 90 16.04 5.69 -8.32
C GLY A 90 14.81 5.08 -7.68
N VAL A 91 14.88 4.77 -6.39
CA VAL A 91 13.75 4.20 -5.66
C VAL A 91 13.32 5.18 -4.58
N ARG A 92 12.06 5.63 -4.67
CA ARG A 92 11.54 6.65 -3.75
C ARG A 92 11.05 6.07 -2.43
N ILE A 93 10.96 6.98 -1.46
CA ILE A 93 10.49 6.67 -0.13
C ILE A 93 9.26 7.53 0.21
N TYR A 94 8.19 6.86 0.63
CA TYR A 94 6.96 7.54 1.03
C TYR A 94 6.69 7.25 2.49
N VAL A 95 6.47 8.31 3.26
CA VAL A 95 6.29 8.16 4.70
C VAL A 95 4.83 8.07 5.13
N ASP A 96 4.58 7.10 6.01
CA ASP A 96 3.27 6.94 6.63
C ASP A 96 3.18 8.00 7.72
N ALA A 97 2.49 9.09 7.41
CA ALA A 97 2.36 10.23 8.31
C ALA A 97 1.15 10.11 9.23
N VAL A 98 1.44 9.97 10.51
CA VAL A 98 0.40 9.88 11.54
C VAL A 98 0.28 11.26 12.16
N ILE A 99 -0.61 12.07 11.59
CA ILE A 99 -0.74 13.48 11.99
C ILE A 99 -2.13 13.85 12.50
N ASN A 100 -3.08 12.92 12.53
CA ASN A 100 -4.40 13.27 13.02
C ASN A 100 -4.45 13.21 14.55
N HIS A 101 -3.56 12.41 15.12
CA HIS A 101 -3.62 12.19 16.56
C HIS A 101 -2.27 11.85 17.17
N MET A 102 -2.30 11.82 18.50
CA MET A 102 -1.17 11.35 19.28
C MET A 102 -1.59 9.99 19.84
N CYS A 103 -1.07 9.56 20.98
CA CYS A 103 -1.43 8.22 21.47
C CYS A 103 -2.79 8.20 22.18
N GLY A 104 -3.18 7.00 22.60
CA GLY A 104 -4.45 6.82 23.31
C GLY A 104 -4.49 7.66 24.58
N ASN A 105 -5.65 8.25 24.86
CA ASN A 105 -5.80 9.10 26.03
C ASN A 105 -5.65 8.34 27.35
N ALA A 106 -5.82 7.01 27.32
CA ALA A 106 -5.73 6.22 28.55
C ALA A 106 -4.35 5.60 28.74
N VAL A 107 -3.44 5.81 27.79
CA VAL A 107 -2.10 5.27 27.91
C VAL A 107 -1.39 5.86 29.14
N SER A 108 -0.66 5.02 29.88
CA SER A 108 0.02 5.46 31.08
C SER A 108 1.12 6.47 30.77
N ALA A 109 1.23 7.49 31.63
CA ALA A 109 2.25 8.51 31.47
C ALA A 109 3.62 7.95 31.86
N GLY A 110 4.67 8.47 31.24
CA GLY A 110 6.00 7.99 31.56
C GLY A 110 6.93 8.10 30.36
N THR A 111 7.89 7.18 30.28
CA THR A 111 8.86 7.18 29.19
C THR A 111 8.82 5.89 28.40
N SER A 112 7.66 5.23 28.39
CA SER A 112 7.52 4.00 27.62
C SER A 112 7.30 4.36 26.15
N SER A 113 8.35 4.89 25.55
CA SER A 113 8.37 5.33 24.16
C SER A 113 9.58 4.76 23.44
N THR A 114 9.56 4.75 22.12
CA THR A 114 10.65 4.17 21.35
C THR A 114 11.94 4.99 21.45
N CYS A 115 11.87 6.23 21.92
CA CYS A 115 13.09 7.03 22.07
C CYS A 115 13.26 7.52 23.51
N GLY A 116 12.41 7.02 24.40
CA GLY A 116 12.50 7.41 25.80
C GLY A 116 11.95 8.78 26.14
N SER A 117 11.29 9.42 25.19
CA SER A 117 10.71 10.72 25.44
C SER A 117 9.59 10.62 26.46
N TYR A 118 9.48 11.62 27.33
CA TYR A 118 8.42 11.62 28.32
C TYR A 118 7.12 12.13 27.69
N PHE A 119 6.00 11.58 28.16
CA PHE A 119 4.69 11.98 27.70
C PHE A 119 3.64 11.62 28.73
N ASN A 120 2.60 12.44 28.79
CA ASN A 120 1.51 12.24 29.74
C ASN A 120 0.17 12.45 29.05
N PRO A 121 -0.41 11.36 28.51
CA PRO A 121 -1.70 11.45 27.83
C PRO A 121 -2.79 12.10 28.66
N GLY A 122 -2.86 11.71 29.93
CA GLY A 122 -3.87 12.27 30.83
C GLY A 122 -3.86 13.78 30.92
N SER A 123 -2.67 14.37 30.97
CA SER A 123 -2.55 15.82 31.06
C SER A 123 -2.33 16.46 29.69
N ARG A 124 -2.42 15.63 28.64
CA ARG A 124 -2.24 16.09 27.26
C ARG A 124 -0.88 16.73 27.09
N ASP A 125 0.13 16.20 27.77
CA ASP A 125 1.46 16.77 27.70
C ASP A 125 2.44 15.91 26.93
N PHE A 126 2.92 16.46 25.82
CA PHE A 126 3.90 15.83 24.96
C PHE A 126 5.04 16.82 24.73
N PRO A 127 5.87 17.01 25.77
CA PRO A 127 7.01 17.94 25.76
C PRO A 127 8.05 17.81 24.66
N ALA A 128 8.14 16.63 24.05
CA ALA A 128 9.13 16.41 23.00
C ALA A 128 8.74 17.06 21.68
N VAL A 129 7.49 17.53 21.57
CA VAL A 129 7.05 18.13 20.32
C VAL A 129 7.34 19.64 20.27
N PRO A 130 6.79 20.44 21.20
CA PRO A 130 5.90 20.11 22.31
C PRO A 130 4.43 20.41 22.04
N TYR A 131 3.57 19.61 22.68
CA TYR A 131 2.13 19.78 22.62
C TYR A 131 1.59 19.83 24.04
N SER A 132 0.52 20.58 24.23
CA SER A 132 -0.13 20.69 25.54
C SER A 132 -1.64 20.53 25.36
N GLY A 133 -2.40 20.67 26.44
CA GLY A 133 -3.84 20.53 26.34
C GLY A 133 -4.49 21.47 25.34
N TRP A 134 -3.85 22.60 25.09
CA TRP A 134 -4.37 23.60 24.17
C TRP A 134 -4.29 23.13 22.72
N ASP A 135 -3.57 22.03 22.48
CA ASP A 135 -3.38 21.56 21.11
C ASP A 135 -4.26 20.37 20.75
N PHE A 136 -5.24 20.03 21.59
CA PHE A 136 -6.13 18.92 21.31
C PHE A 136 -7.58 19.37 21.19
N ASN A 137 -8.43 18.52 20.62
CA ASN A 137 -9.84 18.84 20.36
C ASN A 137 -10.76 18.51 21.53
N ASP A 138 -10.24 18.41 22.74
CA ASP A 138 -11.05 18.11 23.92
C ASP A 138 -12.29 18.99 24.01
N GLY A 139 -12.11 20.29 23.80
CA GLY A 139 -13.24 21.21 23.89
C GLY A 139 -14.09 21.36 22.64
N LYS A 140 -13.57 20.90 21.51
CA LYS A 140 -14.28 21.00 20.24
C LYS A 140 -15.25 19.85 20.04
N CYS A 141 -14.84 18.65 20.44
CA CYS A 141 -15.67 17.45 20.31
C CYS A 141 -16.95 17.59 21.14
N LYS A 142 -18.09 17.24 20.54
CA LYS A 142 -19.37 17.38 21.22
C LYS A 142 -19.98 16.05 21.66
N THR A 143 -19.28 14.93 21.52
CA THR A 143 -19.86 13.66 21.95
C THR A 143 -19.75 13.47 23.46
N GLY A 144 -20.64 12.66 24.02
CA GLY A 144 -20.63 12.42 25.45
C GLY A 144 -19.41 11.66 25.94
N SER A 145 -18.84 10.83 25.07
CA SER A 145 -17.68 10.02 25.44
C SER A 145 -16.37 10.71 25.09
N GLY A 146 -16.41 11.65 24.16
CA GLY A 146 -15.19 12.33 23.75
C GLY A 146 -14.57 11.58 22.57
N ASP A 147 -15.14 10.41 22.27
CA ASP A 147 -14.66 9.58 21.16
C ASP A 147 -15.66 9.61 20.01
N ILE A 148 -15.26 9.10 18.86
CA ILE A 148 -16.18 9.03 17.72
C ILE A 148 -17.22 7.95 18.01
N GLU A 149 -18.50 8.30 17.88
CA GLU A 149 -19.56 7.34 18.18
C GLU A 149 -20.47 7.10 16.98
N ASN A 150 -20.61 8.08 16.10
CA ASN A 150 -21.51 7.95 14.95
C ASN A 150 -20.89 8.50 13.69
N TYR A 151 -20.68 7.64 12.69
CA TYR A 151 -20.08 8.07 11.44
C TYR A 151 -21.07 8.81 10.55
N ASN A 152 -22.32 8.92 11.00
CA ASN A 152 -23.33 9.65 10.24
C ASN A 152 -23.20 11.15 10.51
N ASP A 153 -22.40 11.48 11.51
CA ASP A 153 -22.12 12.85 11.90
C ASP A 153 -20.69 13.22 11.47
N ALA A 154 -20.57 13.84 10.31
CA ALA A 154 -19.28 14.20 9.74
C ALA A 154 -18.44 15.08 10.67
N THR A 155 -19.07 15.82 11.57
CA THR A 155 -18.32 16.69 12.45
C THR A 155 -17.56 15.92 13.52
N GLN A 156 -18.25 15.04 14.24
CA GLN A 156 -17.59 14.27 15.30
C GLN A 156 -16.52 13.34 14.75
N VAL A 157 -16.67 12.90 13.51
CA VAL A 157 -15.69 12.02 12.91
C VAL A 157 -14.33 12.72 12.80
N ARG A 158 -14.36 14.04 12.68
CA ARG A 158 -13.16 14.85 12.53
C ARG A 158 -12.69 15.49 13.84
N ASP A 159 -13.62 15.82 14.74
CA ASP A 159 -13.25 16.54 15.96
C ASP A 159 -13.14 15.66 17.19
N CYS A 160 -13.56 14.40 17.10
CA CYS A 160 -13.51 13.53 18.26
C CYS A 160 -12.42 12.46 18.13
N ARG A 161 -12.14 11.77 19.23
CA ARG A 161 -11.06 10.79 19.28
C ARG A 161 -11.40 9.47 18.61
N LEU A 162 -10.61 9.11 17.61
CA LEU A 162 -10.77 7.83 16.95
C LEU A 162 -10.34 6.73 17.93
N THR A 163 -11.31 5.97 18.44
CA THR A 163 -11.06 4.92 19.43
C THR A 163 -10.14 5.41 20.55
N GLY A 164 -10.41 6.61 21.05
CA GLY A 164 -9.64 7.15 22.15
C GLY A 164 -8.32 7.85 21.85
N LEU A 165 -7.88 7.82 20.60
CA LEU A 165 -6.62 8.46 20.24
C LEU A 165 -6.74 9.98 20.36
N LEU A 166 -5.86 10.60 21.14
CA LEU A 166 -5.91 12.04 21.34
C LEU A 166 -5.93 12.75 19.99
N ASP A 167 -6.98 13.54 19.76
CA ASP A 167 -7.20 14.21 18.49
C ASP A 167 -6.59 15.61 18.46
N LEU A 168 -5.62 15.80 17.58
CA LEU A 168 -4.94 17.09 17.47
C LEU A 168 -5.85 18.17 16.87
N ALA A 169 -5.69 19.39 17.38
CA ALA A 169 -6.46 20.54 16.91
C ALA A 169 -5.83 21.10 15.65
N LEU A 170 -6.10 20.43 14.54
CA LEU A 170 -5.51 20.76 13.24
C LEU A 170 -5.97 22.11 12.69
N GLU A 171 -6.88 22.80 13.34
CA GLU A 171 -7.29 24.11 12.86
C GLU A 171 -6.32 25.20 13.35
N LYS A 172 -5.56 24.88 14.39
CA LYS A 172 -4.61 25.82 14.98
C LYS A 172 -3.32 25.91 14.17
N ASP A 173 -2.87 27.13 13.91
CA ASP A 173 -1.65 27.29 13.14
C ASP A 173 -0.45 26.65 13.84
N TYR A 174 -0.42 26.73 15.17
CA TYR A 174 0.70 26.13 15.88
C TYR A 174 0.81 24.64 15.59
N VAL A 175 -0.32 23.92 15.68
CA VAL A 175 -0.34 22.50 15.43
C VAL A 175 -0.01 22.21 13.97
N ARG A 176 -0.63 22.96 13.06
CA ARG A 176 -0.35 22.78 11.63
C ARG A 176 1.14 22.98 11.36
N SER A 177 1.75 23.94 12.06
CA SER A 177 3.16 24.26 11.88
C SER A 177 4.06 23.17 12.46
N LYS A 178 3.66 22.57 13.58
CA LYS A 178 4.49 21.50 14.15
C LYS A 178 4.46 20.28 13.23
N ILE A 179 3.30 20.02 12.64
CA ILE A 179 3.19 18.90 11.72
C ILE A 179 3.97 19.18 10.45
N ALA A 180 3.90 20.42 9.96
CA ALA A 180 4.65 20.80 8.76
C ALA A 180 6.14 20.72 9.01
N GLU A 181 6.55 21.07 10.23
CA GLU A 181 7.96 21.03 10.61
C GLU A 181 8.49 19.60 10.48
N TYR A 182 7.68 18.65 10.96
CA TYR A 182 8.02 17.24 10.90
C TYR A 182 8.09 16.76 9.44
N MET A 183 7.05 17.08 8.67
CA MET A 183 7.00 16.65 7.27
C MET A 183 8.08 17.32 6.43
N ASN A 184 8.39 18.59 6.71
CA ASN A 184 9.43 19.27 5.95
C ASN A 184 10.81 18.70 6.28
N HIS A 185 10.96 18.24 7.51
CA HIS A 185 12.18 17.59 7.95
C HIS A 185 12.43 16.37 7.05
N LEU A 186 11.36 15.59 6.86
CA LEU A 186 11.39 14.39 6.04
C LEU A 186 11.60 14.71 4.56
N ILE A 187 10.89 15.72 4.04
CA ILE A 187 11.07 16.10 2.64
C ILE A 187 12.51 16.53 2.38
N ASP A 188 13.08 17.34 3.26
CA ASP A 188 14.45 17.81 3.07
C ASP A 188 15.46 16.66 3.13
N ILE A 189 15.13 15.62 3.89
CA ILE A 189 15.98 14.43 3.96
C ILE A 189 15.96 13.71 2.61
N GLY A 190 14.84 13.82 1.90
CA GLY A 190 14.73 13.18 0.60
C GLY A 190 13.45 12.41 0.30
N VAL A 191 12.50 12.40 1.24
CA VAL A 191 11.24 11.69 1.04
C VAL A 191 10.47 12.27 -0.17
N ALA A 192 9.80 11.41 -0.93
CA ALA A 192 9.09 11.83 -2.14
C ALA A 192 7.60 12.05 -1.93
N GLY A 193 7.07 11.65 -0.78
CA GLY A 193 5.65 11.82 -0.57
C GLY A 193 5.18 11.20 0.74
N PHE A 194 3.87 11.20 0.94
CA PHE A 194 3.33 10.68 2.19
C PHE A 194 1.98 10.03 2.04
N ARG A 195 1.78 9.04 2.91
CA ARG A 195 0.49 8.44 3.10
C ARG A 195 -0.10 9.15 4.31
N LEU A 196 -1.22 9.83 4.16
CA LEU A 196 -1.80 10.53 5.30
C LEU A 196 -2.78 9.64 6.02
N ASP A 197 -2.32 9.09 7.13
CA ASP A 197 -3.10 8.20 7.94
C ASP A 197 -4.34 8.89 8.52
N ALA A 198 -5.44 8.15 8.57
CA ALA A 198 -6.70 8.63 9.15
C ALA A 198 -7.17 9.95 8.54
N SER A 199 -7.08 10.08 7.22
CA SER A 199 -7.50 11.32 6.58
C SER A 199 -8.99 11.60 6.74
N LYS A 200 -9.82 10.57 6.85
CA LYS A 200 -11.25 10.80 7.02
C LYS A 200 -11.53 11.54 8.32
N HIS A 201 -10.59 11.42 9.27
CA HIS A 201 -10.72 12.03 10.58
C HIS A 201 -10.14 13.43 10.63
N MET A 202 -9.80 13.95 9.46
CA MET A 202 -9.27 15.30 9.34
C MET A 202 -10.11 16.09 8.34
N TRP A 203 -10.31 17.37 8.59
CA TRP A 203 -11.07 18.20 7.68
C TRP A 203 -10.26 18.45 6.41
N PRO A 204 -10.89 18.33 5.24
CA PRO A 204 -10.16 18.56 3.99
C PRO A 204 -9.38 19.88 4.02
N GLY A 205 -10.01 20.93 4.56
CA GLY A 205 -9.38 22.24 4.64
C GLY A 205 -8.16 22.29 5.56
N ASP A 206 -8.19 21.52 6.63
CA ASP A 206 -7.06 21.48 7.55
C ASP A 206 -5.88 20.78 6.90
N ILE A 207 -6.16 19.68 6.20
CA ILE A 207 -5.10 18.98 5.48
C ILE A 207 -4.47 19.93 4.47
N LYS A 208 -5.31 20.64 3.73
CA LYS A 208 -4.79 21.58 2.73
C LYS A 208 -3.90 22.65 3.36
N ALA A 209 -4.31 23.19 4.51
CA ALA A 209 -3.54 24.21 5.18
C ALA A 209 -2.15 23.69 5.55
N ILE A 210 -2.08 22.42 5.94
CA ILE A 210 -0.80 21.81 6.29
C ILE A 210 0.04 21.57 5.05
N LEU A 211 -0.58 21.03 4.00
CA LEU A 211 0.13 20.75 2.77
C LEU A 211 0.66 22.03 2.13
N ASP A 212 -0.05 23.15 2.37
CA ASP A 212 0.35 24.44 1.84
C ASP A 212 1.68 24.91 2.43
N LYS A 213 2.05 24.35 3.58
CA LYS A 213 3.29 24.74 4.27
C LYS A 213 4.45 23.82 3.91
N LEU A 214 4.22 22.83 3.07
CA LEU A 214 5.28 21.88 2.73
C LEU A 214 6.19 22.38 1.62
N HIS A 215 7.43 21.92 1.68
CA HIS A 215 8.46 22.27 0.72
C HIS A 215 8.35 21.46 -0.55
N ASN A 216 9.06 21.92 -1.56
CA ASN A 216 9.19 21.16 -2.78
C ASN A 216 10.19 20.05 -2.49
N LEU A 217 10.24 19.01 -3.29
CA LEU A 217 11.15 17.92 -3.02
C LEU A 217 12.62 18.36 -3.11
N ASN A 218 13.50 17.65 -2.40
CA ASN A 218 14.92 17.97 -2.38
C ASN A 218 15.47 18.11 -3.80
N SER A 219 15.93 19.33 -4.12
CA SER A 219 16.41 19.66 -5.46
C SER A 219 17.71 18.95 -5.86
N ASN A 220 18.32 18.19 -4.96
CA ASN A 220 19.51 17.45 -5.36
C ASN A 220 19.12 16.20 -6.13
N TRP A 221 17.88 15.77 -5.97
CA TRP A 221 17.39 14.55 -6.64
C TRP A 221 16.19 14.82 -7.55
N PHE A 222 15.38 15.81 -7.19
CA PHE A 222 14.18 16.09 -7.97
C PHE A 222 14.23 17.43 -8.68
N PRO A 223 13.60 17.53 -9.85
CA PRO A 223 13.59 18.80 -10.60
C PRO A 223 12.89 19.88 -9.79
N ALA A 224 13.25 21.13 -10.04
CA ALA A 224 12.65 22.25 -9.34
C ALA A 224 11.13 22.23 -9.46
N GLY A 225 10.45 22.57 -8.37
CA GLY A 225 9.01 22.61 -8.39
C GLY A 225 8.29 21.30 -8.13
N SER A 226 9.04 20.23 -7.86
CA SER A 226 8.42 18.94 -7.58
C SER A 226 7.69 18.97 -6.25
N LYS A 227 6.44 18.51 -6.25
CA LYS A 227 5.63 18.49 -5.04
C LYS A 227 5.54 17.09 -4.46
N PRO A 228 5.49 16.99 -3.13
CA PRO A 228 5.39 15.65 -2.54
C PRO A 228 4.11 14.94 -2.96
N PHE A 229 4.24 13.65 -3.24
CA PHE A 229 3.09 12.82 -3.59
C PHE A 229 2.23 12.64 -2.34
N ILE A 230 0.95 12.91 -2.46
CA ILE A 230 0.08 12.78 -1.30
C ILE A 230 -1.04 11.79 -1.56
N TYR A 231 -1.11 10.74 -0.75
CA TYR A 231 -2.23 9.83 -0.84
C TYR A 231 -2.85 9.69 0.53
N GLN A 232 -4.13 10.08 0.60
CA GLN A 232 -4.86 10.13 1.85
C GLN A 232 -5.61 8.85 2.16
N GLU A 233 -5.42 8.33 3.37
CA GLU A 233 -6.14 7.14 3.78
C GLU A 233 -7.56 7.48 4.18
N VAL A 234 -8.47 7.24 3.24
CA VAL A 234 -9.89 7.46 3.47
C VAL A 234 -10.65 6.20 3.12
N ILE A 235 -11.31 5.62 4.11
CA ILE A 235 -12.08 4.41 3.88
C ILE A 235 -13.52 4.79 3.54
N ASP A 236 -13.83 4.77 2.25
CA ASP A 236 -15.15 5.14 1.79
C ASP A 236 -15.75 4.03 0.94
N LEU A 237 -16.60 3.21 1.56
CA LEU A 237 -17.25 2.13 0.87
C LEU A 237 -18.70 2.49 0.54
N GLY A 238 -19.03 3.75 0.76
CA GLY A 238 -20.37 4.24 0.50
C GLY A 238 -21.23 4.30 1.75
N GLY A 239 -22.38 4.94 1.64
CA GLY A 239 -23.31 5.04 2.76
C GLY A 239 -22.85 5.91 3.91
N GLU A 240 -22.01 6.91 3.62
CA GLU A 240 -21.49 7.82 4.64
C GLU A 240 -21.54 9.26 4.14
N PRO A 241 -21.73 10.23 5.04
CA PRO A 241 -21.77 11.63 4.60
C PRO A 241 -20.41 12.05 4.02
N ILE A 242 -19.34 11.54 4.61
CA ILE A 242 -17.99 11.85 4.15
C ILE A 242 -17.63 10.99 2.95
N LYS A 243 -17.16 11.62 1.89
CA LYS A 243 -16.77 10.91 0.68
C LYS A 243 -15.30 11.11 0.38
N SER A 244 -14.67 10.11 -0.24
CA SER A 244 -13.26 10.25 -0.57
C SER A 244 -13.05 11.44 -1.50
N SER A 245 -14.04 11.76 -2.32
CA SER A 245 -13.93 12.88 -3.26
C SER A 245 -13.77 14.22 -2.53
N ASP A 246 -14.17 14.28 -1.27
CA ASP A 246 -14.03 15.53 -0.51
C ASP A 246 -12.56 15.88 -0.32
N TYR A 247 -11.67 14.92 -0.60
CA TYR A 247 -10.23 15.12 -0.38
C TYR A 247 -9.43 15.30 -1.68
N PHE A 248 -10.11 15.34 -2.83
CA PHE A 248 -9.41 15.45 -4.12
C PHE A 248 -8.56 16.71 -4.24
N GLY A 249 -8.92 17.78 -3.53
CA GLY A 249 -8.14 19.00 -3.64
C GLY A 249 -6.79 18.93 -2.94
N ASN A 250 -6.52 17.84 -2.22
CA ASN A 250 -5.29 17.69 -1.46
C ASN A 250 -4.31 16.69 -2.09
N GLY A 251 -4.85 15.72 -2.82
CA GLY A 251 -4.00 14.71 -3.43
C GLY A 251 -4.84 13.49 -3.75
N ARG A 252 -4.18 12.34 -3.92
CA ARG A 252 -4.90 11.12 -4.21
C ARG A 252 -5.52 10.55 -2.95
N VAL A 253 -6.35 9.52 -3.13
CA VAL A 253 -6.98 8.86 -2.00
C VAL A 253 -6.89 7.36 -2.17
N THR A 254 -6.81 6.66 -1.04
CA THR A 254 -6.81 5.21 -1.07
C THR A 254 -8.19 4.73 -1.49
N GLU A 255 -8.28 3.91 -2.53
CA GLU A 255 -9.57 3.39 -2.95
C GLU A 255 -9.80 2.01 -2.34
N PHE A 256 -10.42 1.98 -1.17
CA PHE A 256 -10.65 0.73 -0.48
C PHE A 256 -11.72 -0.13 -1.16
N LYS A 257 -12.53 0.47 -2.02
CA LYS A 257 -13.54 -0.32 -2.72
C LYS A 257 -12.86 -1.28 -3.70
N TYR A 258 -11.68 -0.91 -4.14
CA TYR A 258 -10.90 -1.69 -5.11
C TYR A 258 -10.64 -3.11 -4.62
N GLY A 259 -9.90 -3.23 -3.51
CA GLY A 259 -9.59 -4.54 -2.98
C GLY A 259 -10.80 -5.28 -2.45
N ALA A 260 -11.77 -4.56 -1.91
CA ALA A 260 -12.97 -5.21 -1.38
C ALA A 260 -13.77 -5.87 -2.50
N LYS A 261 -13.98 -5.14 -3.60
CA LYS A 261 -14.73 -5.67 -4.73
C LYS A 261 -13.94 -6.71 -5.51
N LEU A 262 -12.64 -6.48 -5.68
CA LEU A 262 -11.82 -7.46 -6.39
C LEU A 262 -11.81 -8.79 -5.63
N GLY A 263 -11.74 -8.69 -4.31
CA GLY A 263 -11.74 -9.88 -3.48
C GLY A 263 -13.05 -10.64 -3.63
N THR A 264 -14.17 -9.93 -3.65
CA THR A 264 -15.46 -10.60 -3.79
C THR A 264 -15.58 -11.26 -5.17
N VAL A 265 -15.02 -10.61 -6.19
CA VAL A 265 -15.07 -11.13 -7.54
C VAL A 265 -14.24 -12.40 -7.68
N ILE A 266 -12.98 -12.33 -7.24
CA ILE A 266 -12.09 -13.49 -7.36
C ILE A 266 -12.55 -14.65 -6.49
N ARG A 267 -13.21 -14.36 -5.37
CA ARG A 267 -13.72 -15.41 -4.49
C ARG A 267 -15.07 -15.92 -5.01
N LYS A 268 -15.61 -15.21 -6.00
CA LYS A 268 -16.89 -15.55 -6.63
C LYS A 268 -18.03 -15.51 -5.62
N TRP A 269 -17.96 -14.54 -4.71
CA TRP A 269 -18.99 -14.37 -3.69
C TRP A 269 -20.22 -13.70 -4.30
N ASN A 270 -21.39 -14.02 -3.75
CA ASN A 270 -22.65 -13.44 -4.20
C ASN A 270 -22.84 -13.58 -5.71
N GLY A 271 -22.25 -14.61 -6.31
CA GLY A 271 -22.40 -14.81 -7.73
C GLY A 271 -21.55 -13.93 -8.63
N GLU A 272 -20.64 -13.16 -8.04
CA GLU A 272 -19.77 -12.29 -8.84
C GLU A 272 -18.92 -13.14 -9.79
N LYS A 273 -18.57 -12.56 -10.94
CA LYS A 273 -17.79 -13.26 -11.94
C LYS A 273 -16.71 -12.37 -12.53
N MET A 274 -15.58 -12.96 -12.92
CA MET A 274 -14.48 -12.19 -13.48
C MET A 274 -14.90 -11.51 -14.79
N SER A 275 -15.89 -12.07 -15.48
CA SER A 275 -16.36 -11.47 -16.72
C SER A 275 -16.96 -10.09 -16.47
N TYR A 276 -17.33 -9.82 -15.22
CA TYR A 276 -17.92 -8.53 -14.86
C TYR A 276 -16.85 -7.43 -14.77
N LEU A 277 -15.57 -7.83 -14.78
CA LEU A 277 -14.46 -6.89 -14.65
C LEU A 277 -14.18 -6.14 -15.96
N LYS A 278 -14.98 -6.40 -16.98
CA LYS A 278 -14.77 -5.74 -18.26
C LYS A 278 -14.72 -4.21 -18.12
N ASN A 279 -15.61 -3.66 -17.29
CA ASN A 279 -15.66 -2.20 -17.10
C ASN A 279 -15.06 -1.78 -15.75
N TRP A 280 -14.13 -2.58 -15.27
CA TRP A 280 -13.43 -2.31 -14.01
C TRP A 280 -12.89 -0.88 -13.98
N GLY A 281 -13.02 -0.22 -12.84
CA GLY A 281 -12.55 1.15 -12.72
C GLY A 281 -13.67 2.06 -12.27
N GLU A 282 -13.74 3.25 -12.83
CA GLU A 282 -14.79 4.21 -12.48
C GLU A 282 -16.18 3.60 -12.68
N GLY A 283 -16.29 2.67 -13.62
CA GLY A 283 -17.56 2.02 -13.90
C GLY A 283 -18.11 1.27 -12.69
N TRP A 284 -17.24 0.97 -11.73
CA TRP A 284 -17.66 0.26 -10.53
C TRP A 284 -17.90 1.23 -9.37
N GLY A 285 -17.93 2.52 -9.69
CA GLY A 285 -18.15 3.52 -8.66
C GLY A 285 -16.89 3.98 -7.94
N PHE A 286 -15.74 3.65 -8.51
CA PHE A 286 -14.47 4.03 -7.91
C PHE A 286 -14.13 5.48 -8.24
N VAL A 287 -13.18 6.04 -7.48
CA VAL A 287 -12.76 7.41 -7.73
C VAL A 287 -12.03 7.51 -9.07
N PRO A 288 -11.88 8.73 -9.61
CA PRO A 288 -11.18 8.87 -10.89
C PRO A 288 -9.81 8.20 -10.75
N SER A 289 -9.36 7.57 -11.83
CA SER A 289 -8.09 6.86 -11.84
C SER A 289 -6.92 7.76 -11.40
N ASP A 290 -6.92 9.03 -11.80
CA ASP A 290 -5.79 9.90 -11.44
C ASP A 290 -5.83 10.35 -9.97
N ARG A 291 -6.80 9.87 -9.21
CA ARG A 291 -6.87 10.20 -7.79
C ARG A 291 -6.86 8.93 -6.97
N ALA A 292 -6.60 7.81 -7.61
CA ALA A 292 -6.65 6.54 -6.90
C ALA A 292 -5.29 5.92 -6.61
N LEU A 293 -5.19 5.45 -5.37
CA LEU A 293 -4.08 4.65 -4.90
C LEU A 293 -4.71 3.29 -4.65
N VAL A 294 -4.38 2.30 -5.48
CA VAL A 294 -5.03 1.00 -5.36
C VAL A 294 -4.11 -0.08 -4.80
N PHE A 295 -4.75 -1.13 -4.31
CA PHE A 295 -4.07 -2.25 -3.68
C PHE A 295 -5.07 -3.36 -3.43
N VAL A 296 -4.58 -4.59 -3.34
CA VAL A 296 -5.45 -5.73 -3.07
C VAL A 296 -5.74 -5.78 -1.57
N ASP A 297 -4.68 -5.66 -0.77
CA ASP A 297 -4.80 -5.64 0.68
C ASP A 297 -3.81 -4.63 1.25
N ASN A 298 -4.06 -4.21 2.49
CA ASN A 298 -3.14 -3.31 3.16
C ASN A 298 -2.80 -3.88 4.54
N HIS A 299 -1.94 -3.20 5.28
CA HIS A 299 -1.51 -3.73 6.58
C HIS A 299 -2.67 -3.88 7.56
N ASP A 300 -3.72 -3.09 7.37
CA ASP A 300 -4.87 -3.14 8.26
C ASP A 300 -5.84 -4.26 7.91
N ASN A 301 -6.36 -4.23 6.69
CA ASN A 301 -7.38 -5.20 6.31
C ASN A 301 -6.84 -6.60 6.02
N GLN A 302 -5.52 -6.79 5.94
CA GLN A 302 -5.03 -8.15 5.72
C GLN A 302 -5.15 -8.97 7.00
N ARG A 303 -5.42 -8.29 8.11
CA ARG A 303 -5.59 -8.95 9.39
C ARG A 303 -6.95 -8.61 10.01
N GLY A 304 -7.93 -8.38 9.15
CA GLY A 304 -9.27 -8.06 9.61
C GLY A 304 -9.33 -6.82 10.50
N HIS A 305 -8.44 -5.88 10.25
CA HIS A 305 -8.38 -4.65 11.03
C HIS A 305 -8.84 -3.44 10.21
N GLY A 306 -9.26 -3.68 8.97
CA GLY A 306 -9.70 -2.60 8.12
C GLY A 306 -10.92 -2.89 7.27
N ALA A 307 -11.16 -2.04 6.28
CA ALA A 307 -12.31 -2.20 5.39
C ALA A 307 -12.19 -3.47 4.55
N GLY A 308 -13.08 -3.60 3.57
CA GLY A 308 -13.05 -4.77 2.71
C GLY A 308 -13.66 -5.98 3.39
N GLY A 309 -13.42 -6.10 4.69
CA GLY A 309 -13.96 -7.21 5.44
C GLY A 309 -13.30 -8.55 5.16
N ALA A 310 -14.11 -9.61 5.20
CA ALA A 310 -13.62 -10.96 4.98
C ALA A 310 -13.31 -11.23 3.51
N SER A 311 -13.72 -10.34 2.61
CA SER A 311 -13.49 -10.56 1.19
C SER A 311 -12.04 -10.27 0.78
N ILE A 312 -11.31 -9.53 1.61
CA ILE A 312 -9.94 -9.16 1.29
C ILE A 312 -9.04 -10.39 1.11
N LEU A 313 -8.30 -10.39 0.01
CA LEU A 313 -7.36 -11.46 -0.28
C LEU A 313 -5.97 -11.09 0.23
N THR A 314 -5.27 -12.07 0.79
CA THR A 314 -3.93 -11.85 1.34
C THR A 314 -2.99 -12.98 0.97
N PHE A 315 -1.74 -12.86 1.40
CA PHE A 315 -0.75 -13.89 1.12
C PHE A 315 -1.19 -15.24 1.67
N TRP A 316 -2.08 -15.24 2.67
CA TRP A 316 -2.58 -16.49 3.24
C TRP A 316 -3.36 -17.27 2.18
N ASP A 317 -3.95 -16.53 1.23
CA ASP A 317 -4.68 -17.11 0.11
C ASP A 317 -3.84 -16.97 -1.16
N ALA A 318 -2.59 -17.41 -1.05
CA ALA A 318 -1.57 -17.32 -2.09
C ALA A 318 -2.08 -17.45 -3.53
N ARG A 319 -2.71 -18.56 -3.87
CA ARG A 319 -3.17 -18.77 -5.25
C ARG A 319 -4.09 -17.67 -5.75
N LEU A 320 -5.17 -17.41 -5.02
CA LEU A 320 -6.12 -16.38 -5.43
C LEU A 320 -5.50 -14.99 -5.34
N TYR A 321 -4.66 -14.80 -4.33
CA TYR A 321 -3.98 -13.53 -4.11
C TYR A 321 -3.12 -13.14 -5.31
N LYS A 322 -2.32 -14.07 -5.80
CA LYS A 322 -1.47 -13.79 -6.96
C LYS A 322 -2.31 -13.37 -8.17
N MET A 323 -3.46 -14.01 -8.33
CA MET A 323 -4.35 -13.69 -9.43
C MET A 323 -4.91 -12.27 -9.31
N ALA A 324 -5.33 -11.93 -8.09
CA ALA A 324 -5.88 -10.59 -7.84
C ALA A 324 -4.81 -9.53 -8.06
N VAL A 325 -3.61 -9.77 -7.53
CA VAL A 325 -2.53 -8.81 -7.69
C VAL A 325 -2.13 -8.71 -9.16
N GLY A 326 -2.16 -9.84 -9.86
CA GLY A 326 -1.83 -9.85 -11.28
C GLY A 326 -2.81 -9.03 -12.08
N PHE A 327 -4.10 -9.20 -11.80
CA PHE A 327 -5.12 -8.44 -12.50
C PHE A 327 -4.92 -6.95 -12.23
N MET A 328 -4.69 -6.60 -10.97
CA MET A 328 -4.49 -5.21 -10.60
C MET A 328 -3.31 -4.60 -11.34
N LEU A 329 -2.17 -5.29 -11.33
CA LEU A 329 -0.96 -4.77 -11.97
C LEU A 329 -1.07 -4.70 -13.49
N ALA A 330 -1.95 -5.51 -14.09
CA ALA A 330 -2.10 -5.48 -15.54
C ALA A 330 -3.12 -4.42 -15.97
N HIS A 331 -4.08 -4.12 -15.10
CA HIS A 331 -5.13 -3.15 -15.42
C HIS A 331 -4.64 -1.71 -15.25
N PRO A 332 -4.96 -0.84 -16.21
CA PRO A 332 -4.51 0.56 -16.14
C PRO A 332 -5.08 1.47 -15.04
N TYR A 333 -6.16 1.07 -14.39
CA TYR A 333 -6.77 1.93 -13.38
C TYR A 333 -5.87 2.15 -12.16
N GLY A 334 -5.72 3.42 -11.79
CA GLY A 334 -4.97 3.85 -10.63
C GLY A 334 -3.47 3.62 -10.51
N PHE A 335 -2.91 4.09 -9.40
CA PHE A 335 -1.50 3.89 -9.08
C PHE A 335 -1.41 2.73 -8.09
N THR A 336 -0.63 1.73 -8.44
CA THR A 336 -0.59 0.48 -7.69
C THR A 336 0.43 0.41 -6.56
N ARG A 337 -0.05 -0.14 -5.44
CA ARG A 337 0.78 -0.40 -4.28
C ARG A 337 0.72 -1.88 -3.94
N VAL A 338 1.89 -2.50 -3.90
CA VAL A 338 2.01 -3.91 -3.57
C VAL A 338 2.34 -4.07 -2.09
N MET A 339 1.69 -5.04 -1.46
CA MET A 339 1.90 -5.28 -0.05
C MET A 339 3.03 -6.28 0.19
N SER A 340 3.82 -6.02 1.23
CA SER A 340 4.89 -6.91 1.67
C SER A 340 4.73 -7.12 3.17
N SER A 341 4.42 -8.33 3.58
CA SER A 341 4.10 -8.56 4.98
C SER A 341 5.01 -9.55 5.67
N TYR A 342 4.65 -9.80 6.91
CA TYR A 342 5.32 -10.77 7.74
C TYR A 342 4.31 -11.78 8.23
N ARG A 343 4.78 -12.98 8.52
CA ARG A 343 3.91 -14.03 9.01
C ARG A 343 3.71 -13.91 10.50
N TRP A 344 2.51 -14.25 10.96
CA TRP A 344 2.17 -14.24 12.38
C TRP A 344 1.28 -15.43 12.69
N PRO A 345 1.23 -15.84 13.97
CA PRO A 345 0.41 -16.99 14.37
C PRO A 345 -1.11 -16.75 14.32
N ARG A 346 -1.65 -16.66 13.11
CA ARG A 346 -3.08 -16.47 12.94
C ARG A 346 -3.87 -17.53 13.68
N GLN A 347 -4.71 -17.10 14.62
CA GLN A 347 -5.53 -18.01 15.40
C GLN A 347 -6.98 -17.54 15.42
N PHE A 348 -7.81 -18.15 14.58
CA PHE A 348 -9.22 -17.75 14.48
C PHE A 348 -10.08 -18.39 15.56
N GLN A 349 -10.89 -17.55 16.20
CA GLN A 349 -11.83 -17.96 17.22
C GLN A 349 -13.14 -17.22 17.03
N ASN A 350 -14.18 -17.95 16.62
CA ASN A 350 -15.48 -17.36 16.36
C ASN A 350 -15.40 -16.40 15.18
N GLY A 351 -14.51 -16.70 14.25
CA GLY A 351 -14.35 -15.88 13.06
C GLY A 351 -13.43 -14.69 13.22
N ASN A 352 -12.71 -14.62 14.34
CA ASN A 352 -11.79 -13.51 14.58
C ASN A 352 -10.40 -14.00 15.00
N ASP A 353 -9.38 -13.36 14.44
CA ASP A 353 -7.99 -13.71 14.72
C ASP A 353 -7.52 -13.07 16.03
N VAL A 354 -7.42 -13.88 17.08
CA VAL A 354 -7.01 -13.37 18.39
C VAL A 354 -5.56 -12.89 18.41
N ASN A 355 -4.81 -13.20 17.37
CA ASN A 355 -3.40 -12.79 17.30
C ASN A 355 -3.18 -11.73 16.23
N ASP A 356 -4.23 -11.00 15.88
CA ASP A 356 -4.12 -9.99 14.83
C ASP A 356 -3.32 -8.77 15.31
N TRP A 357 -2.92 -8.77 16.57
CA TRP A 357 -2.15 -7.67 17.16
C TRP A 357 -0.65 -7.89 17.04
N VAL A 358 -0.25 -9.14 16.88
CA VAL A 358 1.16 -9.52 16.82
C VAL A 358 1.98 -8.61 15.89
N GLY A 359 3.09 -8.10 16.44
CA GLY A 359 3.98 -7.23 15.70
C GLY A 359 4.92 -7.98 14.79
N PRO A 360 5.87 -7.27 14.16
CA PRO A 360 6.83 -7.91 13.24
C PRO A 360 7.72 -8.95 13.90
N PRO A 361 8.31 -9.84 13.09
CA PRO A 361 9.20 -10.89 13.62
C PRO A 361 10.21 -10.18 14.52
N ASN A 362 10.45 -10.74 15.69
CA ASN A 362 11.36 -10.06 16.61
C ASN A 362 11.97 -11.01 17.62
N ASN A 363 13.05 -10.52 18.23
CA ASN A 363 13.75 -11.20 19.30
C ASN A 363 13.75 -10.30 20.51
N ASN A 364 12.92 -10.63 21.49
CA ASN A 364 12.82 -9.82 22.70
C ASN A 364 12.44 -8.37 22.38
N GLY A 365 11.65 -8.19 21.32
CA GLY A 365 11.23 -6.84 20.96
C GLY A 365 12.02 -6.20 19.82
N VAL A 366 13.20 -6.75 19.53
CA VAL A 366 14.05 -6.22 18.46
C VAL A 366 13.67 -6.84 17.13
N ILE A 367 13.22 -6.01 16.19
CA ILE A 367 12.80 -6.49 14.88
C ILE A 367 13.92 -7.27 14.18
N LYS A 368 13.57 -8.45 13.67
CA LYS A 368 14.53 -9.31 13.00
C LYS A 368 14.92 -8.77 11.62
N GLU A 369 16.19 -8.93 11.26
CA GLU A 369 16.62 -8.47 9.95
C GLU A 369 16.00 -9.34 8.87
N VAL A 370 15.92 -8.81 7.64
CA VAL A 370 15.36 -9.56 6.55
C VAL A 370 16.45 -10.38 5.86
N THR A 371 16.39 -11.69 6.03
CA THR A 371 17.36 -12.58 5.42
C THR A 371 16.88 -13.07 4.07
N ILE A 372 17.80 -13.20 3.12
CA ILE A 372 17.47 -13.64 1.78
C ILE A 372 17.93 -15.07 1.54
N ASN A 373 17.00 -15.91 1.09
CA ASN A 373 17.31 -17.31 0.81
C ASN A 373 17.93 -17.47 -0.57
N PRO A 374 18.57 -18.61 -0.84
CA PRO A 374 19.19 -18.84 -2.15
C PRO A 374 18.23 -18.72 -3.32
N ASP A 375 16.95 -19.00 -3.08
CA ASP A 375 15.94 -18.91 -4.13
C ASP A 375 15.33 -17.52 -4.22
N THR A 376 15.99 -16.55 -3.58
CA THR A 376 15.59 -15.15 -3.55
C THR A 376 14.40 -14.90 -2.60
N THR A 377 13.95 -15.93 -1.90
CA THR A 377 12.86 -15.75 -0.95
C THR A 377 13.40 -15.16 0.35
N CYS A 378 12.53 -14.84 1.29
CA CYS A 378 12.97 -14.26 2.55
C CYS A 378 12.80 -15.22 3.72
N GLY A 379 13.62 -15.00 4.75
CA GLY A 379 13.55 -15.82 5.94
C GLY A 379 13.13 -14.94 7.11
N ASN A 380 13.26 -15.48 8.31
CA ASN A 380 12.91 -14.76 9.53
C ASN A 380 11.44 -14.35 9.58
N ASP A 381 10.60 -15.13 8.91
CA ASP A 381 9.14 -14.95 8.89
C ASP A 381 8.67 -13.77 8.04
N TRP A 382 9.55 -13.21 7.21
CA TRP A 382 9.12 -12.15 6.31
C TRP A 382 8.56 -12.80 5.04
N VAL A 383 7.34 -12.46 4.66
CA VAL A 383 6.71 -13.09 3.49
C VAL A 383 7.34 -12.62 2.17
N CYS A 384 7.65 -11.33 2.08
CA CYS A 384 8.25 -10.75 0.89
C CYS A 384 7.47 -11.09 -0.38
N GLU A 385 6.18 -10.79 -0.39
CA GLU A 385 5.34 -11.05 -1.56
C GLU A 385 5.90 -10.37 -2.80
N HIS A 386 6.57 -9.24 -2.61
CA HIS A 386 7.12 -8.49 -3.72
C HIS A 386 8.24 -9.26 -4.41
N ARG A 387 8.75 -10.30 -3.76
CA ARG A 387 9.81 -11.12 -4.34
C ARG A 387 9.24 -12.37 -5.00
N TRP A 388 7.95 -12.62 -4.82
CA TRP A 388 7.34 -13.77 -5.49
C TRP A 388 7.42 -13.54 -7.00
N ARG A 389 7.90 -14.54 -7.73
CA ARG A 389 8.05 -14.41 -9.18
C ARG A 389 6.79 -13.88 -9.85
N GLN A 390 5.64 -14.41 -9.47
CA GLN A 390 4.36 -14.04 -10.08
C GLN A 390 3.98 -12.58 -9.82
N ILE A 391 4.45 -12.03 -8.70
CA ILE A 391 4.14 -10.64 -8.38
C ILE A 391 5.21 -9.71 -8.92
N ARG A 392 6.48 -10.05 -8.69
CA ARG A 392 7.56 -9.23 -9.19
C ARG A 392 7.48 -9.09 -10.70
N ASN A 393 7.18 -10.19 -11.39
CA ASN A 393 7.10 -10.13 -12.84
C ASN A 393 5.93 -9.30 -13.32
N MET A 394 4.88 -9.19 -12.50
CA MET A 394 3.74 -8.38 -12.89
C MET A 394 4.01 -6.91 -12.63
N VAL A 395 4.86 -6.65 -11.64
CA VAL A 395 5.28 -5.27 -11.37
C VAL A 395 6.03 -4.75 -12.59
N ILE A 396 6.82 -5.64 -13.19
CA ILE A 396 7.58 -5.30 -14.39
C ILE A 396 6.64 -5.21 -15.59
N PHE A 397 5.63 -6.07 -15.63
CA PHE A 397 4.65 -6.05 -16.69
C PHE A 397 4.01 -4.66 -16.77
N ARG A 398 3.61 -4.13 -15.61
CA ARG A 398 2.99 -2.80 -15.56
C ARG A 398 3.93 -1.73 -16.10
N ASN A 399 5.22 -1.85 -15.81
CA ASN A 399 6.21 -0.89 -16.31
C ASN A 399 6.29 -0.95 -17.84
N VAL A 400 6.39 -2.18 -18.35
CA VAL A 400 6.54 -2.42 -19.78
C VAL A 400 5.35 -1.91 -20.59
N VAL A 401 4.13 -2.03 -20.06
CA VAL A 401 2.94 -1.62 -20.80
C VAL A 401 2.45 -0.23 -20.40
N ASP A 402 3.23 0.48 -19.59
CA ASP A 402 2.85 1.82 -19.14
C ASP A 402 2.38 2.71 -20.30
N GLY A 403 1.18 3.26 -20.16
CA GLY A 403 0.64 4.13 -21.19
C GLY A 403 -0.23 3.46 -22.23
N GLN A 404 -0.08 2.15 -22.39
CA GLN A 404 -0.86 1.41 -23.38
C GLN A 404 -2.31 1.29 -22.96
N PRO A 405 -3.24 1.37 -23.93
CA PRO A 405 -4.67 1.28 -23.62
C PRO A 405 -5.20 -0.13 -23.35
N PHE A 406 -6.27 -0.18 -22.55
CA PHE A 406 -6.94 -1.42 -22.24
C PHE A 406 -7.70 -1.87 -23.47
N THR A 407 -7.36 -3.04 -24.02
CA THR A 407 -8.02 -3.48 -25.23
C THR A 407 -8.03 -5.00 -25.37
N ASN A 408 -8.65 -5.45 -26.47
CA ASN A 408 -8.75 -6.87 -26.81
C ASN A 408 -9.29 -7.69 -25.65
N TRP A 409 -10.33 -7.19 -25.00
CA TRP A 409 -10.95 -7.91 -23.89
C TRP A 409 -11.71 -9.13 -24.38
N TYR A 410 -11.63 -10.20 -23.60
CA TYR A 410 -12.34 -11.44 -23.90
C TYR A 410 -12.87 -12.06 -22.61
N ASP A 411 -14.03 -12.67 -22.68
CA ASP A 411 -14.59 -13.37 -21.54
C ASP A 411 -15.55 -14.46 -22.00
N ASN A 412 -15.68 -15.51 -21.19
CA ASN A 412 -16.54 -16.64 -21.53
C ASN A 412 -17.90 -16.54 -20.83
N GLY A 413 -18.22 -15.35 -20.35
CA GLY A 413 -19.50 -15.16 -19.67
C GLY A 413 -19.47 -15.70 -18.25
N SER A 414 -18.30 -16.22 -17.87
CA SER A 414 -18.13 -16.77 -16.54
C SER A 414 -16.89 -16.21 -15.84
N ASN A 415 -15.87 -17.04 -15.64
CA ASN A 415 -14.68 -16.58 -14.94
C ASN A 415 -13.40 -16.77 -15.74
N GLN A 416 -13.54 -16.84 -17.06
CA GLN A 416 -12.38 -16.94 -17.94
C GLN A 416 -12.30 -15.68 -18.78
N VAL A 417 -11.30 -14.84 -18.49
CA VAL A 417 -11.18 -13.57 -19.19
C VAL A 417 -9.75 -13.30 -19.61
N ALA A 418 -9.60 -12.29 -20.47
CA ALA A 418 -8.30 -11.89 -20.96
C ALA A 418 -8.36 -10.50 -21.55
N PHE A 419 -7.22 -9.83 -21.56
CA PHE A 419 -7.15 -8.51 -22.15
C PHE A 419 -5.72 -8.10 -22.38
N GLY A 420 -5.55 -7.10 -23.23
CA GLY A 420 -4.21 -6.64 -23.51
C GLY A 420 -4.03 -5.17 -23.20
N ARG A 421 -2.78 -4.75 -23.27
CA ARG A 421 -2.40 -3.38 -23.06
C ARG A 421 -1.70 -2.90 -24.31
N GLY A 422 -2.48 -2.31 -25.22
CA GLY A 422 -1.93 -1.85 -26.48
C GLY A 422 -1.30 -3.03 -27.19
N ASN A 423 -0.07 -2.87 -27.64
CA ASN A 423 0.65 -3.93 -28.31
C ASN A 423 1.90 -4.31 -27.52
N ARG A 424 1.85 -4.07 -26.22
CA ARG A 424 3.00 -4.34 -25.35
C ARG A 424 2.75 -5.47 -24.36
N GLY A 425 1.49 -5.84 -24.12
CA GLY A 425 1.24 -6.90 -23.16
C GLY A 425 -0.12 -7.54 -23.28
N PHE A 426 -0.22 -8.78 -22.80
CA PHE A 426 -1.47 -9.55 -22.82
C PHE A 426 -1.53 -10.48 -21.61
N ILE A 427 -2.72 -10.60 -21.04
CA ILE A 427 -2.90 -11.45 -19.86
C ILE A 427 -4.19 -12.25 -19.95
N VAL A 428 -4.13 -13.50 -19.50
CA VAL A 428 -5.28 -14.41 -19.54
C VAL A 428 -5.51 -15.06 -18.17
N PHE A 429 -6.76 -15.08 -17.73
CA PHE A 429 -7.10 -15.66 -16.43
C PHE A 429 -8.16 -16.76 -16.55
N ASN A 430 -7.98 -17.80 -15.76
CA ASN A 430 -8.95 -18.87 -15.69
C ASN A 430 -9.35 -19.13 -14.26
N ASN A 431 -10.47 -18.55 -13.84
CA ASN A 431 -10.93 -18.74 -12.48
C ASN A 431 -12.21 -19.58 -12.43
N ASP A 432 -12.41 -20.38 -13.47
CA ASP A 432 -13.57 -21.28 -13.52
C ASP A 432 -13.15 -22.67 -13.07
N ASP A 433 -14.12 -23.54 -12.80
CA ASP A 433 -13.84 -24.88 -12.33
C ASP A 433 -13.54 -25.86 -13.47
N TRP A 434 -13.19 -25.32 -14.64
CA TRP A 434 -12.84 -26.16 -15.77
C TRP A 434 -11.66 -25.56 -16.52
N SER A 435 -11.00 -26.37 -17.33
CA SER A 435 -9.83 -25.90 -18.07
C SER A 435 -10.17 -24.90 -19.14
N PHE A 436 -9.17 -24.13 -19.53
CA PHE A 436 -9.31 -23.12 -20.57
C PHE A 436 -8.35 -23.42 -21.72
N SER A 437 -8.90 -23.47 -22.92
CA SER A 437 -8.12 -23.73 -24.12
C SER A 437 -8.76 -23.03 -25.29
N LEU A 438 -8.15 -21.93 -25.72
CA LEU A 438 -8.70 -21.16 -26.83
C LEU A 438 -7.67 -20.24 -27.44
N THR A 439 -7.91 -19.90 -28.70
CA THR A 439 -7.03 -18.98 -29.42
C THR A 439 -7.59 -17.58 -29.34
N LEU A 440 -6.81 -16.64 -28.81
CA LEU A 440 -7.29 -15.28 -28.65
C LEU A 440 -6.41 -14.27 -29.37
N GLN A 441 -7.01 -13.13 -29.69
CA GLN A 441 -6.29 -12.03 -30.31
C GLN A 441 -5.52 -11.29 -29.23
N THR A 442 -4.19 -11.28 -29.33
CA THR A 442 -3.37 -10.64 -28.31
C THR A 442 -2.98 -9.21 -28.67
N GLY A 443 -3.03 -8.88 -29.95
CA GLY A 443 -2.65 -7.54 -30.38
C GLY A 443 -1.16 -7.32 -30.30
N LEU A 444 -0.41 -8.40 -30.06
CA LEU A 444 1.05 -8.34 -29.95
C LEU A 444 1.72 -8.74 -31.26
N PRO A 445 2.95 -8.27 -31.49
CA PRO A 445 3.64 -8.64 -32.73
C PRO A 445 3.95 -10.14 -32.69
N ALA A 446 4.02 -10.76 -33.86
CA ALA A 446 4.29 -12.19 -33.96
C ALA A 446 5.59 -12.58 -33.25
N GLY A 447 5.64 -13.80 -32.75
CA GLY A 447 6.84 -14.26 -32.07
C GLY A 447 6.58 -15.23 -30.93
N THR A 448 7.65 -15.60 -30.24
CA THR A 448 7.57 -16.51 -29.10
C THR A 448 7.75 -15.74 -27.79
N TYR A 449 6.75 -15.80 -26.93
CA TYR A 449 6.79 -15.06 -25.68
C TYR A 449 6.83 -15.98 -24.47
N CYS A 450 7.60 -15.59 -23.47
CA CYS A 450 7.67 -16.35 -22.23
C CYS A 450 6.59 -15.92 -21.27
N ASP A 451 5.88 -16.88 -20.71
CA ASP A 451 4.88 -16.56 -19.70
C ASP A 451 5.63 -16.18 -18.42
N VAL A 452 5.45 -14.94 -17.95
CA VAL A 452 6.19 -14.49 -16.77
C VAL A 452 5.53 -14.88 -15.46
N ILE A 453 4.45 -15.65 -15.53
CA ILE A 453 3.80 -16.12 -14.32
C ILE A 453 4.38 -17.47 -13.91
N SER A 454 4.41 -18.40 -14.86
CA SER A 454 4.94 -19.74 -14.61
C SER A 454 6.46 -19.77 -14.73
N GLY A 455 7.05 -18.74 -15.32
CA GLY A 455 8.49 -18.72 -15.47
C GLY A 455 9.11 -17.36 -15.75
N ASP A 456 10.31 -17.39 -16.32
CA ASP A 456 11.06 -16.19 -16.65
C ASP A 456 11.76 -16.33 -17.99
N LYS A 457 12.19 -15.20 -18.53
CA LYS A 457 12.96 -15.19 -19.76
C LYS A 457 14.43 -15.09 -19.41
N ILE A 458 15.19 -16.15 -19.66
CA ILE A 458 16.60 -16.15 -19.33
C ILE A 458 17.45 -16.65 -20.50
N ASN A 459 18.32 -15.77 -20.98
CA ASN A 459 19.22 -16.09 -22.09
C ASN A 459 18.48 -16.71 -23.27
N GLY A 460 17.67 -15.90 -23.94
CA GLY A 460 16.92 -16.36 -25.10
C GLY A 460 16.12 -17.64 -24.91
N ASN A 461 15.63 -17.87 -23.70
CA ASN A 461 14.85 -19.07 -23.41
C ASN A 461 13.84 -18.82 -22.29
N CYS A 462 12.78 -19.61 -22.26
CA CYS A 462 11.75 -19.50 -21.22
C CYS A 462 11.85 -20.67 -20.26
N THR A 463 11.73 -20.39 -18.96
CA THR A 463 11.79 -21.44 -17.95
C THR A 463 10.44 -22.07 -17.71
N GLY A 464 9.39 -21.40 -18.19
CA GLY A 464 8.05 -21.90 -18.01
C GLY A 464 7.28 -22.04 -19.31
N ILE A 465 6.00 -21.70 -19.27
CA ILE A 465 5.14 -21.79 -20.45
C ILE A 465 5.59 -20.83 -21.54
N LYS A 466 5.44 -21.27 -22.79
CA LYS A 466 5.78 -20.47 -23.95
C LYS A 466 4.54 -20.23 -24.79
N ILE A 467 4.37 -18.99 -25.25
CA ILE A 467 3.22 -18.64 -26.08
C ILE A 467 3.67 -18.21 -27.47
N TYR A 468 3.00 -18.73 -28.49
CA TYR A 468 3.36 -18.41 -29.87
C TYR A 468 2.30 -17.52 -30.52
N VAL A 469 2.68 -16.29 -30.83
CA VAL A 469 1.79 -15.32 -31.47
C VAL A 469 1.99 -15.32 -32.99
N SER A 470 0.90 -15.52 -33.72
CA SER A 470 0.95 -15.58 -35.18
C SER A 470 1.02 -14.19 -35.80
N ASP A 471 1.05 -14.15 -37.14
CA ASP A 471 1.13 -12.91 -37.90
C ASP A 471 -0.11 -12.04 -37.69
N ASP A 472 -1.23 -12.68 -37.35
CA ASP A 472 -2.47 -11.96 -37.13
C ASP A 472 -2.65 -11.55 -35.67
N GLY A 473 -1.60 -11.73 -34.87
CA GLY A 473 -1.67 -11.37 -33.47
C GLY A 473 -2.38 -12.39 -32.60
N LYS A 474 -2.87 -13.46 -33.21
CA LYS A 474 -3.57 -14.49 -32.46
C LYS A 474 -2.59 -15.48 -31.82
N ALA A 475 -3.01 -16.05 -30.70
CA ALA A 475 -2.17 -17.02 -29.99
C ALA A 475 -3.04 -17.97 -29.17
N HIS A 476 -2.63 -19.23 -29.09
CA HIS A 476 -3.39 -20.20 -28.32
C HIS A 476 -2.95 -20.23 -26.87
N PHE A 477 -3.95 -20.25 -25.97
CA PHE A 477 -3.69 -20.30 -24.55
C PHE A 477 -4.36 -21.50 -23.92
N SER A 478 -3.62 -22.19 -23.06
CA SER A 478 -4.13 -23.36 -22.36
C SER A 478 -3.84 -23.26 -20.87
N ILE A 479 -4.91 -23.16 -20.07
CA ILE A 479 -4.75 -23.05 -18.63
C ILE A 479 -5.69 -24.01 -17.91
N SER A 480 -5.10 -24.98 -17.22
CA SER A 480 -5.89 -25.93 -16.45
C SER A 480 -6.32 -25.29 -15.14
N ASN A 481 -7.51 -25.63 -14.66
CA ASN A 481 -7.98 -25.07 -13.39
C ASN A 481 -7.20 -25.66 -12.23
N SER A 482 -6.29 -26.59 -12.54
CA SER A 482 -5.46 -27.23 -11.53
C SER A 482 -4.04 -26.68 -11.54
N ALA A 483 -3.79 -25.71 -12.41
CA ALA A 483 -2.46 -25.10 -12.53
C ALA A 483 -2.06 -24.38 -11.25
N GLU A 484 -0.76 -24.36 -10.94
CA GLU A 484 -0.27 -23.66 -9.76
C GLU A 484 -0.81 -22.24 -9.75
N ASP A 485 -0.69 -21.60 -10.91
CA ASP A 485 -1.18 -20.25 -11.15
C ASP A 485 -2.06 -20.27 -12.39
N PRO A 486 -3.38 -20.18 -12.22
CA PRO A 486 -4.30 -20.21 -13.35
C PRO A 486 -4.39 -18.96 -14.22
N PHE A 487 -3.25 -18.35 -14.49
CA PHE A 487 -3.21 -17.19 -15.37
C PHE A 487 -1.86 -17.07 -16.05
N ILE A 488 -1.88 -16.53 -17.25
CA ILE A 488 -0.68 -16.36 -18.07
C ILE A 488 -0.52 -14.91 -18.50
N ALA A 489 0.72 -14.42 -18.46
CA ALA A 489 0.98 -13.04 -18.84
C ALA A 489 2.25 -12.95 -19.68
N ILE A 490 2.15 -12.26 -20.79
CA ILE A 490 3.28 -12.06 -21.69
C ILE A 490 3.37 -10.60 -22.11
N HIS A 491 4.58 -10.12 -22.34
CA HIS A 491 4.76 -8.74 -22.74
C HIS A 491 5.98 -8.56 -23.64
N ALA A 492 6.15 -7.35 -24.17
CA ALA A 492 7.23 -7.03 -25.09
C ALA A 492 8.61 -7.43 -24.57
N GLU A 493 8.84 -7.30 -23.26
CA GLU A 493 10.15 -7.63 -22.72
C GLU A 493 10.29 -9.11 -22.37
N SER A 494 9.25 -9.90 -22.62
CA SER A 494 9.32 -11.34 -22.36
C SER A 494 9.37 -12.12 -23.67
N LYS A 495 9.43 -11.37 -24.76
CA LYS A 495 9.51 -11.94 -26.11
C LYS A 495 10.92 -12.44 -26.40
N LEU A 496 11.02 -13.59 -27.06
CA LEU A 496 12.32 -14.17 -27.40
C LEU A 496 12.93 -13.47 -28.61
#